data_7PQ1
#
_entry.id   7PQ1
#
_cell.length_a   81.414
_cell.length_b   109.222
_cell.length_c   105.590
_cell.angle_alpha   90.000
_cell.angle_beta   90.000
_cell.angle_gamma   90.000
#
_symmetry.space_group_name_H-M   'C 2 2 21'
#
loop_
_entity.id
_entity.type
_entity.pdbx_description
1 polymer 'Cytochrome P450 protein'
2 non-polymer 'PROTOPORPHYRIN IX CONTAINING FE'
3 non-polymer GLYCEROL
4 water water
#
_entity_poly.entity_id   1
_entity_poly.type   'polypeptide(L)'
_entity_poly.pdbx_seq_one_letter_code
;GSLKVYNSIFDQAYEIDPIPYFNFLRKHDPVHYEESIDAYFVSKYKDVKYILKNNDIFNTKTLAKRAEPVMKDRVLAQMS
GQEHKSKKKAILKGMTGKYLENLMPILEKRTNDIINKHIEKKEIDIVNDFGKVFAVQSSMDLLGINLENYEKIREWHNGI
AKFITSFNLNDEEIKYSLECSDKLENYLMPLIKDRKKSTKDDLISILLEYKNDENSISDTEILALSLNVLLAATEPVDKT
LAYLFYNLLKNPEQFESVKNNPKLIKNAIIETLRYNSPVQLIPRQVSKPFIFNNTELQAGDTVICMIGSANRDPEAYSNP
DEFNIHRSSDNKSPFTSHSQNLSFGTGVHTCVGASFSLIQLEMVAILLLKRLKNIKLKTMEITEHGIYTRGPKSMVISFD
;
_entity_poly.pdbx_strand_id   A
#
# COMPACT_ATOMS: atom_id res chain seq x y z
N LEU A 3 -27.54 4.06 22.40
CA LEU A 3 -26.24 4.71 22.47
C LEU A 3 -25.86 5.40 21.16
N LYS A 4 -26.88 5.91 20.43
CA LYS A 4 -26.69 6.46 19.10
C LYS A 4 -25.43 7.32 19.00
N VAL A 5 -24.49 6.87 18.18
CA VAL A 5 -23.33 7.66 17.80
C VAL A 5 -23.55 8.14 16.38
N TYR A 6 -23.60 9.46 16.20
CA TYR A 6 -24.02 10.04 14.93
C TYR A 6 -22.88 10.21 13.95
N ASN A 7 -21.65 10.23 14.43
CA ASN A 7 -20.50 10.27 13.53
C ASN A 7 -20.29 8.89 12.93
N SER A 8 -20.14 8.84 11.60
CA SER A 8 -19.98 7.58 10.89
C SER A 8 -18.81 7.68 9.92
N ILE A 9 -18.04 6.59 9.84
CA ILE A 9 -16.97 6.51 8.85
C ILE A 9 -17.53 6.70 7.45
N PHE A 10 -18.72 6.16 7.20
CA PHE A 10 -19.34 6.22 5.89
C PHE A 10 -20.11 7.51 5.64
N ASP A 11 -19.99 8.49 6.54
CA ASP A 11 -20.54 9.81 6.26
C ASP A 11 -19.90 10.39 5.00
N GLN A 12 -20.65 11.25 4.32
CA GLN A 12 -20.14 11.86 3.09
C GLN A 12 -18.87 12.66 3.36
N ALA A 13 -18.83 13.38 4.47
CA ALA A 13 -17.70 14.28 4.75
C ALA A 13 -16.42 13.53 5.08
N TYR A 14 -16.48 12.23 5.39
CA TYR A 14 -15.29 11.53 5.84
C TYR A 14 -14.28 11.38 4.70
N GLU A 15 -14.73 10.87 3.55
CA GLU A 15 -13.80 10.65 2.44
C GLU A 15 -13.20 11.94 1.92
N ILE A 16 -13.83 13.07 2.16
CA ILE A 16 -13.28 14.36 1.74
C ILE A 16 -12.20 14.84 2.70
N ASP A 17 -12.45 14.73 4.01
CA ASP A 17 -11.48 15.17 5.02
C ASP A 17 -11.67 14.29 6.24
N PRO A 18 -10.89 13.21 6.35
CA PRO A 18 -11.04 12.30 7.50
C PRO A 18 -10.37 12.79 8.77
N ILE A 19 -9.61 13.89 8.70
CA ILE A 19 -8.88 14.40 9.85
C ILE A 19 -9.85 14.77 10.98
N PRO A 20 -10.90 15.57 10.75
CA PRO A 20 -11.83 15.83 11.86
C PRO A 20 -12.46 14.57 12.44
N TYR A 21 -12.63 13.54 11.62
CA TYR A 21 -13.10 12.25 12.14
C TYR A 21 -12.00 11.54 12.89
N PHE A 22 -10.76 11.62 12.40
CA PHE A 22 -9.63 11.05 13.12
C PHE A 22 -9.55 11.61 14.54
N ASN A 23 -9.58 12.94 14.66
CA ASN A 23 -9.46 13.57 15.96
C ASN A 23 -10.64 13.23 16.87
N PHE A 24 -11.85 13.18 16.31
CA PHE A 24 -13.02 12.87 17.11
C PHE A 24 -12.94 11.46 17.69
N LEU A 25 -12.56 10.48 16.87
CA LEU A 25 -12.58 9.10 17.31
C LEU A 25 -11.54 8.83 18.39
N ARG A 26 -10.31 9.29 18.18
CA ARG A 26 -9.26 9.10 19.17
C ARG A 26 -9.64 9.71 20.51
N LYS A 27 -10.42 10.79 20.50
CA LYS A 27 -10.83 11.46 21.73
C LYS A 27 -12.02 10.76 22.39
N HIS A 28 -13.07 10.47 21.60
CA HIS A 28 -14.37 10.12 22.17
C HIS A 28 -14.87 8.73 21.82
N ASP A 29 -14.19 7.99 20.94
CA ASP A 29 -14.63 6.66 20.57
C ASP A 29 -13.49 5.88 19.92
N PRO A 30 -12.43 5.56 20.66
CA PRO A 30 -11.28 4.90 20.03
C PRO A 30 -11.61 3.56 19.38
N VAL A 31 -12.68 2.90 19.80
CA VAL A 31 -13.13 1.64 19.20
C VAL A 31 -14.57 1.87 18.77
N HIS A 32 -14.76 2.29 17.52
CA HIS A 32 -16.04 2.76 17.03
C HIS A 32 -16.73 1.69 16.19
N TYR A 33 -17.99 1.43 16.49
CA TYR A 33 -18.77 0.41 15.79
C TYR A 33 -19.55 1.02 14.64
N GLU A 34 -19.49 0.39 13.47
CA GLU A 34 -20.25 0.80 12.29
C GLU A 34 -21.23 -0.32 11.96
N GLU A 35 -22.51 -0.07 12.23
CA GLU A 35 -23.55 -1.07 11.97
C GLU A 35 -23.63 -1.44 10.50
N SER A 36 -23.10 -0.60 9.61
CA SER A 36 -23.19 -0.86 8.18
C SER A 36 -22.40 -2.10 7.74
N ILE A 37 -21.35 -2.48 8.48
CA ILE A 37 -20.52 -3.59 8.05
C ILE A 37 -20.10 -4.46 9.23
N ASP A 38 -20.74 -4.26 10.38
CA ASP A 38 -20.48 -5.04 11.59
C ASP A 38 -18.99 -5.11 11.90
N ALA A 39 -18.41 -3.94 12.17
CA ALA A 39 -16.97 -3.86 12.41
C ALA A 39 -16.66 -2.65 13.28
N TYR A 40 -15.67 -2.82 14.16
CA TYR A 40 -15.19 -1.76 15.01
C TYR A 40 -13.96 -1.12 14.40
N PHE A 41 -13.88 0.20 14.48
CA PHE A 41 -12.80 0.97 13.88
C PHE A 41 -11.90 1.50 14.98
N VAL A 42 -10.63 1.11 14.94
CA VAL A 42 -9.66 1.46 15.96
C VAL A 42 -8.81 2.61 15.45
N SER A 43 -8.83 3.73 16.18
CA SER A 43 -8.20 4.96 15.71
C SER A 43 -6.94 5.35 16.47
N LYS A 44 -6.70 4.79 17.65
CA LYS A 44 -5.58 5.21 18.47
C LYS A 44 -4.33 4.41 18.13
N TYR A 45 -3.17 5.06 18.24
CA TYR A 45 -1.90 4.41 17.89
C TYR A 45 -1.60 3.24 18.81
N LYS A 46 -1.75 3.44 20.13
CA LYS A 46 -1.41 2.39 21.07
C LYS A 46 -2.28 1.15 20.88
N ASP A 47 -3.52 1.32 20.43
CA ASP A 47 -4.40 0.19 20.23
C ASP A 47 -4.09 -0.52 18.91
N VAL A 48 -3.78 0.24 17.86
CA VAL A 48 -3.45 -0.36 16.56
C VAL A 48 -2.18 -1.19 16.68
N LYS A 49 -1.13 -0.60 17.28
CA LYS A 49 0.09 -1.35 17.52
C LYS A 49 -0.18 -2.64 18.28
N TYR A 50 -0.96 -2.56 19.35
CA TYR A 50 -1.29 -3.74 20.13
C TYR A 50 -1.96 -4.82 19.27
N ILE A 51 -2.89 -4.40 18.40
CA ILE A 51 -3.62 -5.38 17.59
C ILE A 51 -2.68 -6.08 16.62
N LEU A 52 -1.89 -5.30 15.88
CA LEU A 52 -1.03 -5.88 14.85
C LEU A 52 0.11 -6.72 15.44
N LYS A 53 0.50 -6.46 16.68
CA LYS A 53 1.55 -7.24 17.34
C LYS A 53 1.02 -8.48 18.04
N ASN A 54 -0.29 -8.70 18.03
CA ASN A 54 -0.92 -9.85 18.68
C ASN A 54 -1.69 -10.64 17.63
N ASN A 55 -0.96 -11.40 16.82
CA ASN A 55 -1.59 -12.17 15.75
C ASN A 55 -2.44 -13.32 16.26
N ASP A 56 -2.32 -13.69 17.53
CA ASP A 56 -3.13 -14.77 18.07
C ASP A 56 -4.51 -14.28 18.50
N ILE A 57 -4.58 -13.11 19.11
CA ILE A 57 -5.87 -12.57 19.52
C ILE A 57 -6.63 -12.00 18.32
N PHE A 58 -5.93 -11.30 17.42
CA PHE A 58 -6.54 -10.71 16.24
C PHE A 58 -5.90 -11.37 15.01
N ASN A 59 -6.61 -12.35 14.45
CA ASN A 59 -6.07 -13.14 13.35
C ASN A 59 -6.45 -12.52 12.00
N THR A 60 -6.07 -13.21 10.92
CA THR A 60 -6.18 -12.69 9.57
C THR A 60 -7.10 -13.54 8.69
N LYS A 61 -8.14 -14.14 9.29
CA LYS A 61 -9.08 -14.93 8.50
C LYS A 61 -10.13 -14.08 7.79
N THR A 62 -10.35 -12.84 8.25
CA THR A 62 -11.29 -11.97 7.54
C THR A 62 -10.79 -11.66 6.14
N LEU A 63 -9.52 -11.28 6.01
CA LEU A 63 -8.93 -11.06 4.70
C LEU A 63 -9.08 -12.29 3.81
N ALA A 64 -8.90 -13.47 4.40
CA ALA A 64 -9.00 -14.73 3.67
C ALA A 64 -10.31 -14.82 2.89
N LYS A 65 -11.44 -14.76 3.60
CA LYS A 65 -12.73 -14.96 2.98
C LYS A 65 -13.01 -13.92 1.90
N ARG A 66 -12.89 -12.64 2.25
CA ARG A 66 -13.17 -11.58 1.30
C ARG A 66 -12.24 -11.61 0.09
N ALA A 67 -11.07 -12.23 0.20
CA ALA A 67 -10.08 -12.22 -0.87
C ALA A 67 -10.14 -13.45 -1.79
N GLU A 68 -10.43 -14.63 -1.23
CA GLU A 68 -10.52 -15.87 -2.02
C GLU A 68 -11.24 -15.72 -3.36
N PRO A 69 -12.39 -15.04 -3.47
CA PRO A 69 -13.09 -14.99 -4.77
C PRO A 69 -12.21 -14.53 -5.92
N VAL A 70 -11.35 -13.55 -5.71
CA VAL A 70 -10.55 -12.99 -6.78
C VAL A 70 -9.10 -13.46 -6.79
N MET A 71 -8.60 -14.00 -5.67
CA MET A 71 -7.23 -14.48 -5.61
C MET A 71 -7.08 -15.91 -6.12
N LYS A 72 -8.16 -16.69 -6.06
CA LYS A 72 -8.27 -18.06 -6.59
C LYS A 72 -7.57 -19.09 -5.71
N ASP A 73 -6.68 -18.65 -4.82
CA ASP A 73 -6.02 -19.55 -3.87
C ASP A 73 -5.62 -18.74 -2.64
N ARG A 74 -4.67 -19.26 -1.86
CA ARG A 74 -4.35 -18.72 -0.54
C ARG A 74 -3.34 -17.58 -0.64
N VAL A 75 -3.56 -16.55 0.16
CA VAL A 75 -2.72 -15.37 0.21
C VAL A 75 -1.83 -15.47 1.45
N LEU A 76 -0.66 -14.82 1.38
CA LEU A 76 0.30 -14.82 2.49
C LEU A 76 -0.37 -14.49 3.82
N ALA A 77 -1.32 -13.56 3.81
CA ALA A 77 -1.98 -13.18 5.05
C ALA A 77 -2.83 -14.30 5.64
N GLN A 78 -3.26 -15.25 4.82
CA GLN A 78 -4.01 -16.41 5.31
C GLN A 78 -3.12 -17.50 5.87
N MET A 79 -1.80 -17.32 5.80
CA MET A 79 -0.84 -18.33 6.21
C MET A 79 -0.25 -17.97 7.57
N SER A 80 0.23 -18.99 8.27
CA SER A 80 0.78 -18.78 9.62
C SER A 80 1.90 -19.77 9.86
N GLY A 81 2.80 -19.38 10.77
CA GLY A 81 3.83 -20.30 11.23
C GLY A 81 4.94 -20.46 10.22
N GLN A 82 5.37 -21.71 10.00
CA GLN A 82 6.51 -21.98 9.13
C GLN A 82 6.21 -21.65 7.68
N GLU A 83 4.99 -21.94 7.22
CA GLU A 83 4.62 -21.67 5.84
C GLU A 83 4.66 -20.16 5.55
N HIS A 84 4.12 -19.35 6.46
CA HIS A 84 4.15 -17.91 6.26
C HIS A 84 5.58 -17.39 6.19
N LYS A 85 6.46 -17.87 7.08
CA LYS A 85 7.85 -17.41 7.09
C LYS A 85 8.58 -17.86 5.83
N SER A 86 8.47 -19.14 5.48
CA SER A 86 9.20 -19.68 4.34
C SER A 86 8.78 -19.00 3.05
N LYS A 87 7.49 -18.75 2.87
CA LYS A 87 7.01 -18.14 1.64
C LYS A 87 7.19 -16.62 1.63
N LYS A 88 7.12 -15.99 2.81
CA LYS A 88 7.46 -14.57 2.90
C LYS A 88 8.93 -14.34 2.55
N LYS A 89 9.83 -15.10 3.20
CA LYS A 89 11.24 -15.02 2.89
C LYS A 89 11.49 -15.26 1.41
N ALA A 90 10.74 -16.18 0.80
CA ALA A 90 10.91 -16.46 -0.62
C ALA A 90 10.55 -15.24 -1.47
N ILE A 91 9.44 -14.58 -1.15
CA ILE A 91 9.04 -13.39 -1.89
C ILE A 91 10.08 -12.29 -1.73
N LEU A 92 10.59 -12.10 -0.51
CA LEU A 92 11.57 -11.06 -0.25
C LEU A 92 12.83 -11.28 -1.08
N LYS A 93 13.20 -12.55 -1.31
CA LYS A 93 14.35 -12.86 -2.16
C LYS A 93 14.22 -12.23 -3.54
N GLY A 94 13.00 -11.97 -4.00
CA GLY A 94 12.79 -11.38 -5.31
C GLY A 94 13.06 -9.90 -5.39
N MET A 95 13.13 -9.21 -4.25
CA MET A 95 13.41 -7.78 -4.23
C MET A 95 14.61 -7.46 -3.34
N THR A 96 15.48 -8.44 -3.13
CA THR A 96 16.73 -8.26 -2.40
C THR A 96 17.85 -8.97 -3.13
N GLY A 97 19.07 -8.77 -2.65
CA GLY A 97 20.22 -9.48 -3.18
C GLY A 97 20.43 -9.21 -4.66
N LYS A 98 20.73 -10.28 -5.39
CA LYS A 98 21.03 -10.16 -6.82
C LYS A 98 19.80 -9.76 -7.63
N TYR A 99 18.61 -10.23 -7.23
CA TYR A 99 17.40 -9.86 -7.94
C TYR A 99 17.13 -8.36 -7.83
N LEU A 100 17.53 -7.74 -6.72
CA LEU A 100 17.36 -6.29 -6.59
C LEU A 100 18.32 -5.54 -7.49
N GLU A 101 19.56 -6.02 -7.62
CA GLU A 101 20.55 -5.33 -8.44
C GLU A 101 20.20 -5.35 -9.91
N ASN A 102 19.49 -6.39 -10.37
CA ASN A 102 19.07 -6.43 -11.77
C ASN A 102 17.81 -5.59 -12.00
N LEU A 103 16.93 -5.54 -11.01
CA LEU A 103 15.65 -4.85 -11.17
C LEU A 103 15.83 -3.33 -11.21
N MET A 104 16.70 -2.81 -10.35
CA MET A 104 16.82 -1.37 -10.21
C MET A 104 17.18 -0.64 -11.50
N PRO A 105 18.15 -1.08 -12.32
CA PRO A 105 18.38 -0.38 -13.59
C PRO A 105 17.18 -0.41 -14.52
N ILE A 106 16.47 -1.53 -14.56
CA ILE A 106 15.25 -1.62 -15.35
C ILE A 106 14.24 -0.57 -14.90
N LEU A 107 14.11 -0.39 -13.58
CA LEU A 107 13.15 0.58 -13.06
C LEU A 107 13.57 2.00 -13.39
N GLU A 108 14.88 2.28 -13.38
CA GLU A 108 15.38 3.55 -13.90
C GLU A 108 14.93 3.75 -15.34
N LYS A 109 15.01 2.70 -16.15
CA LYS A 109 14.56 2.77 -17.54
C LYS A 109 13.06 3.04 -17.61
N ARG A 110 12.27 2.27 -16.85
CA ARG A 110 10.83 2.52 -16.78
C ARG A 110 10.55 3.99 -16.44
N THR A 111 11.32 4.54 -15.49
CA THR A 111 11.13 5.92 -15.09
C THR A 111 11.53 6.90 -16.20
N ASN A 112 12.73 6.72 -16.75
CA ASN A 112 13.22 7.66 -17.76
C ASN A 112 12.40 7.58 -19.05
N ASP A 113 11.82 6.42 -19.36
CA ASP A 113 10.96 6.33 -20.53
C ASP A 113 9.68 7.13 -20.34
N ILE A 114 9.12 7.12 -19.12
CA ILE A 114 7.94 7.94 -18.85
C ILE A 114 8.30 9.42 -18.94
N ILE A 115 9.47 9.81 -18.39
CA ILE A 115 9.87 11.21 -18.40
C ILE A 115 10.05 11.72 -19.82
N ASN A 116 10.66 10.90 -20.69
CA ASN A 116 10.89 11.32 -22.07
C ASN A 116 9.59 11.52 -22.83
N LYS A 117 8.53 10.80 -22.44
CA LYS A 117 7.24 10.97 -23.11
C LYS A 117 6.64 12.35 -22.85
N HIS A 118 6.91 12.94 -21.69
CA HIS A 118 6.22 14.15 -21.25
C HIS A 118 7.12 15.37 -21.15
N ILE A 119 8.42 15.23 -21.43
CA ILE A 119 9.36 16.30 -21.12
C ILE A 119 9.14 17.53 -22.00
N GLU A 120 8.66 17.34 -23.22
CA GLU A 120 8.56 18.45 -24.16
C GLU A 120 7.22 19.19 -24.10
N LYS A 121 6.31 18.79 -23.22
CA LYS A 121 5.09 19.56 -22.99
C LYS A 121 5.13 20.34 -21.67
N LYS A 122 6.25 20.30 -20.96
CA LYS A 122 6.55 21.16 -19.81
C LYS A 122 5.63 20.93 -18.62
N GLU A 123 5.03 19.75 -18.52
CA GLU A 123 4.23 19.38 -17.36
C GLU A 123 4.03 17.87 -17.34
N ILE A 124 3.60 17.36 -16.19
CA ILE A 124 3.36 15.92 -16.04
C ILE A 124 2.45 15.72 -14.85
N ASP A 125 1.55 14.74 -14.97
CA ASP A 125 0.64 14.37 -13.89
C ASP A 125 1.26 13.19 -13.16
N ILE A 126 1.81 13.46 -11.97
CA ILE A 126 2.48 12.42 -11.18
C ILE A 126 1.54 11.26 -10.89
N VAL A 127 0.23 11.50 -10.89
CA VAL A 127 -0.74 10.43 -10.67
C VAL A 127 -1.01 9.69 -11.96
N ASN A 128 -1.57 10.38 -12.95
CA ASN A 128 -2.11 9.75 -14.15
C ASN A 128 -1.08 9.60 -15.28
N ASP A 129 -0.05 10.44 -15.33
CA ASP A 129 0.97 10.30 -16.36
C ASP A 129 2.12 9.38 -15.93
N PHE A 130 2.50 9.39 -14.66
CA PHE A 130 3.62 8.60 -14.17
C PHE A 130 3.18 7.51 -13.21
N GLY A 131 2.49 7.87 -12.12
CA GLY A 131 2.21 6.89 -11.08
C GLY A 131 1.47 5.67 -11.59
N LYS A 132 0.42 5.87 -12.38
CA LYS A 132 -0.38 4.74 -12.84
C LYS A 132 0.40 3.86 -13.82
N VAL A 133 1.35 4.44 -14.56
CA VAL A 133 2.12 3.66 -15.51
C VAL A 133 3.28 2.95 -14.82
N PHE A 134 4.07 3.70 -14.04
CA PHE A 134 5.26 3.13 -13.42
C PHE A 134 4.91 2.06 -12.40
N ALA A 135 3.85 2.28 -11.60
CA ALA A 135 3.54 1.37 -10.50
C ALA A 135 3.25 -0.04 -11.02
N VAL A 136 2.52 -0.15 -12.14
CA VAL A 136 2.17 -1.47 -12.63
C VAL A 136 3.33 -2.11 -13.39
N GLN A 137 4.16 -1.31 -14.05
CA GLN A 137 5.30 -1.88 -14.78
C GLN A 137 6.37 -2.38 -13.81
N SER A 138 6.56 -1.66 -12.70
CA SER A 138 7.51 -2.10 -11.68
C SER A 138 7.09 -3.44 -11.08
N SER A 139 5.80 -3.60 -10.76
CA SER A 139 5.32 -4.86 -10.23
C SER A 139 5.43 -5.97 -11.26
N MET A 140 5.23 -5.65 -12.54
CA MET A 140 5.39 -6.65 -13.59
C MET A 140 6.85 -7.04 -13.76
N ASP A 141 7.75 -6.06 -13.72
CA ASP A 141 9.18 -6.37 -13.81
C ASP A 141 9.63 -7.21 -12.64
N LEU A 142 9.11 -6.92 -11.44
CA LEU A 142 9.46 -7.71 -10.27
C LEU A 142 9.01 -9.16 -10.42
N LEU A 143 7.76 -9.37 -10.81
CA LEU A 143 7.25 -10.72 -10.96
C LEU A 143 7.87 -11.41 -12.18
N GLY A 144 7.91 -10.71 -13.31
CA GLY A 144 8.48 -11.27 -14.52
C GLY A 144 7.48 -11.40 -15.65
N ILE A 145 6.67 -10.35 -15.84
CA ILE A 145 5.64 -10.31 -16.85
C ILE A 145 6.04 -9.27 -17.88
N ASN A 146 5.93 -9.62 -19.16
CA ASN A 146 6.38 -8.72 -20.21
C ASN A 146 5.42 -7.54 -20.35
N LEU A 147 5.99 -6.35 -20.53
CA LEU A 147 5.23 -5.10 -20.63
C LEU A 147 4.37 -5.02 -21.89
N GLU A 148 4.34 -6.08 -22.70
CA GLU A 148 3.52 -6.09 -23.91
C GLU A 148 2.08 -5.70 -23.61
N ASN A 149 1.52 -6.24 -22.53
CA ASN A 149 0.10 -6.11 -22.21
C ASN A 149 -0.12 -5.28 -20.95
N TYR A 150 0.69 -4.25 -20.72
CA TYR A 150 0.60 -3.50 -19.48
C TYR A 150 -0.70 -2.72 -19.37
N GLU A 151 -1.29 -2.32 -20.50
CA GLU A 151 -2.57 -1.61 -20.45
C GLU A 151 -3.67 -2.51 -19.91
N LYS A 152 -3.72 -3.76 -20.37
CA LYS A 152 -4.78 -4.68 -19.93
C LYS A 152 -4.50 -5.25 -18.54
N ILE A 153 -3.24 -5.43 -18.17
CA ILE A 153 -2.91 -5.82 -16.81
C ILE A 153 -3.44 -4.77 -15.84
N ARG A 154 -3.36 -3.50 -16.21
CA ARG A 154 -3.90 -2.43 -15.39
C ARG A 154 -5.42 -2.46 -15.35
N GLU A 155 -6.05 -2.55 -16.53
CA GLU A 155 -7.51 -2.66 -16.61
C GLU A 155 -8.04 -3.73 -15.66
N TRP A 156 -7.48 -4.93 -15.74
CA TRP A 156 -7.83 -5.96 -14.77
C TRP A 156 -7.50 -5.50 -13.35
N HIS A 157 -6.20 -5.38 -13.03
CA HIS A 157 -5.73 -5.03 -11.67
C HIS A 157 -6.69 -4.11 -10.91
N ASN A 158 -7.10 -3.02 -11.56
CA ASN A 158 -8.04 -2.08 -10.94
C ASN A 158 -9.33 -2.78 -10.54
N GLY A 159 -9.84 -3.65 -11.41
CA GLY A 159 -11.06 -4.35 -11.10
C GLY A 159 -10.97 -5.26 -9.89
N ILE A 160 -9.83 -5.94 -9.70
CA ILE A 160 -9.66 -6.77 -8.51
C ILE A 160 -9.42 -5.91 -7.27
N ALA A 161 -8.67 -4.81 -7.40
CA ALA A 161 -8.42 -3.94 -6.25
C ALA A 161 -9.72 -3.37 -5.69
N LYS A 162 -10.67 -3.05 -6.57
CA LYS A 162 -11.95 -2.53 -6.11
C LYS A 162 -12.64 -3.53 -5.18
N PHE A 163 -12.69 -4.80 -5.57
CA PHE A 163 -13.25 -5.84 -4.72
C PHE A 163 -12.61 -5.81 -3.32
N ILE A 164 -11.29 -5.68 -3.28
CA ILE A 164 -10.58 -5.77 -2.00
C ILE A 164 -10.80 -4.51 -1.17
N THR A 165 -10.84 -3.35 -1.83
CA THR A 165 -10.87 -2.06 -1.13
C THR A 165 -12.26 -1.43 -1.09
N SER A 166 -13.32 -2.21 -1.24
CA SER A 166 -14.67 -1.66 -1.22
C SER A 166 -15.58 -2.57 -0.41
N PHE A 167 -16.42 -1.96 0.43
CA PHE A 167 -17.34 -2.69 1.29
C PHE A 167 -18.71 -2.84 0.64
N ASN A 168 -19.26 -1.75 0.11
CA ASN A 168 -20.57 -1.77 -0.54
C ASN A 168 -20.36 -1.96 -2.04
N LEU A 169 -20.63 -3.17 -2.52
CA LEU A 169 -20.45 -3.52 -3.93
C LEU A 169 -21.72 -4.20 -4.41
N ASN A 170 -22.40 -3.59 -5.38
CA ASN A 170 -23.62 -4.18 -5.92
C ASN A 170 -23.28 -5.43 -6.75
N ASP A 171 -24.31 -6.05 -7.31
CA ASP A 171 -24.11 -7.30 -8.04
C ASP A 171 -23.35 -7.07 -9.34
N GLU A 172 -23.68 -6.01 -10.08
CA GLU A 172 -23.01 -5.75 -11.34
C GLU A 172 -21.52 -5.44 -11.14
N GLU A 173 -21.20 -4.73 -10.06
CA GLU A 173 -19.79 -4.41 -9.81
C GLU A 173 -19.00 -5.64 -9.39
N ILE A 174 -19.64 -6.58 -8.70
CA ILE A 174 -18.93 -7.76 -8.22
C ILE A 174 -18.60 -8.70 -9.38
N LYS A 175 -19.51 -8.84 -10.35
CA LYS A 175 -19.26 -9.77 -11.44
C LYS A 175 -18.13 -9.30 -12.35
N TYR A 176 -17.93 -7.98 -12.46
CA TYR A 176 -16.83 -7.47 -13.28
C TYR A 176 -15.49 -7.73 -12.63
N SER A 177 -15.40 -7.52 -11.31
CA SER A 177 -14.16 -7.80 -10.59
C SER A 177 -13.74 -9.26 -10.73
N LEU A 178 -14.71 -10.16 -10.84
CA LEU A 178 -14.39 -11.58 -11.05
C LEU A 178 -13.98 -11.85 -12.49
N GLU A 179 -14.65 -11.21 -13.45
CA GLU A 179 -14.24 -11.32 -14.85
C GLU A 179 -12.82 -10.82 -15.04
N CYS A 180 -12.45 -9.72 -14.39
CA CYS A 180 -11.07 -9.27 -14.38
C CYS A 180 -10.15 -10.33 -13.81
N SER A 181 -10.58 -11.00 -12.74
CA SER A 181 -9.74 -12.02 -12.13
C SER A 181 -9.56 -13.22 -13.06
N ASP A 182 -10.63 -13.62 -13.76
CA ASP A 182 -10.52 -14.75 -14.68
C ASP A 182 -9.62 -14.42 -15.86
N LYS A 183 -9.77 -13.23 -16.42
CA LYS A 183 -8.96 -12.83 -17.57
C LYS A 183 -7.48 -12.85 -17.24
N LEU A 184 -7.11 -12.23 -16.12
CA LEU A 184 -5.70 -12.19 -15.71
C LEU A 184 -5.19 -13.57 -15.32
N GLU A 185 -6.07 -14.45 -14.85
CA GLU A 185 -5.67 -15.83 -14.60
C GLU A 185 -5.40 -16.56 -15.91
N ASN A 186 -6.21 -16.28 -16.95
CA ASN A 186 -5.96 -16.86 -18.27
C ASN A 186 -4.65 -16.36 -18.87
N TYR A 187 -4.25 -15.13 -18.53
CA TYR A 187 -3.01 -14.57 -19.06
C TYR A 187 -1.79 -15.11 -18.32
N LEU A 188 -1.89 -15.25 -17.00
CA LEU A 188 -0.75 -15.55 -16.15
C LEU A 188 -0.42 -17.03 -16.08
N MET A 189 -1.44 -17.89 -16.05
CA MET A 189 -1.21 -19.33 -15.95
C MET A 189 -0.28 -19.87 -17.03
N PRO A 190 -0.47 -19.57 -18.32
CA PRO A 190 0.50 -20.09 -19.31
C PRO A 190 1.91 -19.57 -19.09
N LEU A 191 2.04 -18.33 -18.64
CA LEU A 191 3.37 -17.81 -18.33
C LEU A 191 4.01 -18.56 -17.17
N ILE A 192 3.19 -19.08 -16.25
CA ILE A 192 3.74 -19.89 -15.17
C ILE A 192 4.20 -21.24 -15.70
N LYS A 193 3.51 -21.79 -16.70
CA LYS A 193 3.96 -23.03 -17.33
C LYS A 193 5.25 -22.83 -18.10
N ASP A 194 5.35 -21.72 -18.85
CA ASP A 194 6.60 -21.37 -19.53
C ASP A 194 7.71 -21.19 -18.51
N ARG A 195 7.45 -20.41 -17.46
CA ARG A 195 8.48 -20.13 -16.46
C ARG A 195 8.97 -21.40 -15.79
N LYS A 196 8.11 -22.41 -15.67
CA LYS A 196 8.52 -23.68 -15.06
C LYS A 196 9.70 -24.29 -15.80
N LYS A 197 9.58 -24.44 -17.12
CA LYS A 197 10.69 -24.96 -17.91
C LYS A 197 11.76 -23.91 -18.17
N SER A 198 11.39 -22.64 -18.25
CA SER A 198 12.31 -21.56 -18.57
C SER A 198 12.57 -20.74 -17.31
N THR A 199 13.63 -21.11 -16.60
CA THR A 199 14.04 -20.37 -15.41
C THR A 199 14.71 -19.07 -15.86
N LYS A 200 13.96 -17.97 -15.82
CA LYS A 200 14.45 -16.67 -16.23
C LYS A 200 14.99 -15.84 -15.07
N ASP A 201 14.90 -16.35 -13.84
CA ASP A 201 15.36 -15.67 -12.65
C ASP A 201 14.59 -14.36 -12.42
N ASP A 202 13.29 -14.51 -12.21
CA ASP A 202 12.42 -13.46 -11.68
C ASP A 202 11.65 -14.05 -10.50
N LEU A 203 10.74 -13.27 -9.92
CA LEU A 203 10.06 -13.71 -8.70
C LEU A 203 9.18 -14.93 -8.96
N ILE A 204 8.49 -14.96 -10.10
CA ILE A 204 7.67 -16.11 -10.44
C ILE A 204 8.52 -17.38 -10.48
N SER A 205 9.75 -17.27 -10.97
CA SER A 205 10.67 -18.41 -10.97
C SER A 205 11.06 -18.80 -9.54
N ILE A 206 11.15 -17.84 -8.63
CA ILE A 206 11.46 -18.16 -7.24
C ILE A 206 10.38 -19.04 -6.65
N LEU A 207 9.12 -18.65 -6.84
CA LEU A 207 7.99 -19.43 -6.32
C LEU A 207 7.94 -20.83 -6.92
N LEU A 208 8.50 -21.02 -8.11
CA LEU A 208 8.54 -22.35 -8.72
C LEU A 208 9.72 -23.18 -8.21
N GLU A 209 10.85 -22.53 -7.91
CA GLU A 209 12.01 -23.25 -7.40
CA GLU A 209 12.01 -23.24 -7.40
C GLU A 209 11.91 -23.53 -5.91
N TYR A 210 11.01 -22.84 -5.20
CA TYR A 210 10.80 -23.02 -3.77
C TYR A 210 10.50 -24.48 -3.44
N LYS A 211 10.78 -24.90 -2.20
CA LYS A 211 10.54 -26.28 -1.78
C LYS A 211 10.01 -26.29 -0.36
N ASN A 212 8.87 -26.94 -0.16
CA ASN A 212 8.26 -27.13 1.15
C ASN A 212 8.49 -28.59 1.56
N ASP A 213 9.58 -28.83 2.28
CA ASP A 213 9.99 -30.18 2.69
C ASP A 213 10.11 -31.10 1.46
N GLU A 214 10.85 -30.62 0.47
CA GLU A 214 11.03 -31.31 -0.81
C GLU A 214 9.69 -31.56 -1.50
N ASN A 215 8.91 -30.48 -1.67
CA ASN A 215 7.58 -30.57 -2.29
C ASN A 215 7.17 -29.16 -2.70
N SER A 216 7.29 -28.86 -4.00
CA SER A 216 6.94 -27.55 -4.51
C SER A 216 5.44 -27.31 -4.34
N ILE A 217 5.05 -26.05 -4.50
CA ILE A 217 3.66 -25.66 -4.34
C ILE A 217 2.96 -25.72 -5.69
N SER A 218 1.64 -25.84 -5.64
CA SER A 218 0.84 -25.99 -6.84
C SER A 218 0.88 -24.72 -7.69
N ASP A 219 0.59 -24.90 -8.98
CA ASP A 219 0.61 -23.77 -9.91
C ASP A 219 -0.47 -22.76 -9.57
N THR A 220 -1.66 -23.23 -9.17
CA THR A 220 -2.72 -22.31 -8.77
C THR A 220 -2.30 -21.50 -7.54
N GLU A 221 -1.51 -22.10 -6.64
CA GLU A 221 -1.00 -21.34 -5.50
C GLU A 221 -0.03 -20.26 -5.95
N ILE A 222 0.81 -20.56 -6.94
CA ILE A 222 1.76 -19.59 -7.44
C ILE A 222 1.04 -18.41 -8.08
N LEU A 223 -0.10 -18.68 -8.73
CA LEU A 223 -0.89 -17.60 -9.31
C LEU A 223 -1.39 -16.64 -8.23
N ALA A 224 -1.95 -17.18 -7.15
CA ALA A 224 -2.49 -16.34 -6.08
C ALA A 224 -1.39 -15.53 -5.42
N LEU A 225 -0.22 -16.13 -5.19
CA LEU A 225 0.89 -15.39 -4.62
C LEU A 225 1.40 -14.31 -5.55
N SER A 226 1.36 -14.57 -6.87
CA SER A 226 1.72 -13.54 -7.83
C SER A 226 0.68 -12.42 -7.84
N LEU A 227 -0.60 -12.78 -7.77
CA LEU A 227 -1.65 -11.78 -7.67
C LEU A 227 -1.50 -10.95 -6.40
N ASN A 228 -1.07 -11.57 -5.31
CA ASN A 228 -0.90 -10.87 -4.06
C ASN A 228 0.22 -9.85 -4.15
N VAL A 229 1.29 -10.18 -4.87
CA VAL A 229 2.37 -9.22 -5.07
C VAL A 229 1.90 -8.07 -5.96
N LEU A 230 1.15 -8.40 -7.01
CA LEU A 230 0.74 -7.38 -7.98
C LEU A 230 -0.19 -6.35 -7.35
N LEU A 231 -1.12 -6.79 -6.51
CA LEU A 231 -2.03 -5.86 -5.87
C LEU A 231 -1.38 -5.11 -4.72
N ALA A 232 -0.44 -5.75 -4.01
CA ALA A 232 0.15 -5.09 -2.84
C ALA A 232 1.21 -4.07 -3.23
N ALA A 233 1.79 -4.20 -4.42
CA ALA A 233 2.89 -3.34 -4.83
C ALA A 233 2.47 -2.16 -5.70
N THR A 234 1.36 -2.28 -6.42
CA THR A 234 1.01 -1.26 -7.41
C THR A 234 0.38 -0.04 -6.76
N GLU A 235 -0.87 -0.16 -6.32
CA GLU A 235 -1.63 0.97 -5.79
C GLU A 235 -0.90 1.77 -4.71
N PRO A 236 -0.26 1.17 -3.70
CA PRO A 236 0.43 2.02 -2.71
C PRO A 236 1.54 2.88 -3.29
N VAL A 237 2.37 2.32 -4.17
CA VAL A 237 3.52 3.06 -4.67
C VAL A 237 3.09 4.28 -5.49
N ASP A 238 2.08 4.10 -6.35
CA ASP A 238 1.56 5.22 -7.15
C ASP A 238 1.19 6.40 -6.25
N LYS A 239 0.32 6.16 -5.28
CA LYS A 239 -0.24 7.25 -4.50
C LYS A 239 0.82 7.94 -3.65
N THR A 240 1.76 7.17 -3.08
CA THR A 240 2.81 7.76 -2.27
C THR A 240 3.63 8.78 -3.06
N LEU A 241 3.95 8.45 -4.31
CA LEU A 241 4.75 9.37 -5.14
C LEU A 241 4.04 10.70 -5.33
N ALA A 242 2.73 10.67 -5.61
CA ALA A 242 1.96 11.90 -5.75
C ALA A 242 2.00 12.72 -4.47
N TYR A 243 1.75 12.06 -3.33
CA TYR A 243 1.75 12.76 -2.04
C TYR A 243 3.11 13.38 -1.76
N LEU A 244 4.20 12.70 -2.13
CA LEU A 244 5.54 13.17 -1.82
C LEU A 244 5.80 14.53 -2.44
N PHE A 245 5.70 14.61 -3.77
CA PHE A 245 6.01 15.86 -4.46
C PHE A 245 4.97 16.93 -4.16
N TYR A 246 3.73 16.54 -3.87
CA TYR A 246 2.74 17.52 -3.44
C TYR A 246 3.13 18.13 -2.10
N ASN A 247 3.46 17.28 -1.12
CA ASN A 247 3.77 17.77 0.23
C ASN A 247 5.04 18.63 0.22
N LEU A 248 6.02 18.26 -0.60
CA LEU A 248 7.27 19.04 -0.64
C LEU A 248 7.05 20.39 -1.31
N LEU A 249 6.36 20.42 -2.44
CA LEU A 249 6.13 21.68 -3.14
C LEU A 249 5.25 22.62 -2.33
N LYS A 250 4.39 22.09 -1.45
CA LYS A 250 3.60 22.91 -0.56
C LYS A 250 4.40 23.41 0.63
N ASN A 251 5.65 22.98 0.78
CA ASN A 251 6.54 23.44 1.85
C ASN A 251 7.88 23.77 1.20
N PRO A 252 7.98 24.94 0.56
CA PRO A 252 9.20 25.24 -0.23
C PRO A 252 10.50 25.09 0.55
N GLU A 253 10.50 25.49 1.83
CA GLU A 253 11.69 25.34 2.66
C GLU A 253 12.18 23.90 2.68
N GLN A 254 11.27 22.96 2.94
CA GLN A 254 11.67 21.55 2.99
C GLN A 254 12.01 21.02 1.60
N PHE A 255 11.29 21.50 0.57
CA PHE A 255 11.59 21.08 -0.80
C PHE A 255 12.99 21.52 -1.20
N GLU A 256 13.35 22.77 -0.91
CA GLU A 256 14.70 23.23 -1.20
C GLU A 256 15.73 22.55 -0.31
N SER A 257 15.36 22.21 0.93
CA SER A 257 16.25 21.43 1.78
C SER A 257 16.60 20.09 1.13
N VAL A 258 15.68 19.51 0.38
CA VAL A 258 15.91 18.21 -0.23
C VAL A 258 16.87 18.34 -1.43
N LYS A 259 16.73 19.41 -2.23
CA LYS A 259 17.70 19.63 -3.30
C LYS A 259 19.10 19.84 -2.76
N ASN A 260 19.24 20.72 -1.77
CA ASN A 260 20.56 21.01 -1.22
C ASN A 260 21.19 19.78 -0.60
N ASN A 261 20.38 18.91 0.01
CA ASN A 261 20.85 17.66 0.60
C ASN A 261 19.95 16.55 0.08
N PRO A 262 20.29 15.95 -1.07
CA PRO A 262 19.45 14.85 -1.59
C PRO A 262 19.32 13.67 -0.64
N LYS A 263 20.15 13.58 0.40
CA LYS A 263 20.05 12.46 1.33
C LYS A 263 18.79 12.51 2.18
N LEU A 264 18.17 13.69 2.32
CA LEU A 264 16.93 13.80 3.08
C LEU A 264 15.75 13.16 2.37
N ILE A 265 15.92 12.65 1.15
CA ILE A 265 14.79 12.12 0.40
C ILE A 265 14.19 10.91 1.11
N LYS A 266 15.01 10.11 1.78
CA LYS A 266 14.48 8.95 2.50
C LYS A 266 13.58 9.38 3.64
N ASN A 267 13.96 10.44 4.36
CA ASN A 267 13.12 10.95 5.44
C ASN A 267 11.86 11.61 4.91
N ALA A 268 11.94 12.24 3.73
CA ALA A 268 10.75 12.86 3.14
C ALA A 268 9.71 11.81 2.77
N ILE A 269 10.15 10.68 2.21
CA ILE A 269 9.23 9.60 1.88
C ILE A 269 8.59 9.03 3.13
N ILE A 270 9.40 8.81 4.17
CA ILE A 270 8.89 8.27 5.43
C ILE A 270 7.84 9.21 6.02
N GLU A 271 8.17 10.50 6.13
CA GLU A 271 7.21 11.46 6.65
C GLU A 271 5.95 11.52 5.78
N THR A 272 6.14 11.44 4.46
CA THR A 272 4.98 11.37 3.56
C THR A 272 4.11 10.16 3.90
N LEU A 273 4.74 9.00 4.10
CA LEU A 273 3.98 7.79 4.39
C LEU A 273 3.23 7.91 5.71
N ARG A 274 3.81 8.59 6.69
CA ARG A 274 3.09 8.85 7.93
C ARG A 274 1.95 9.84 7.71
N TYR A 275 2.23 10.95 7.04
CA TYR A 275 1.26 12.02 6.88
C TYR A 275 0.04 11.57 6.08
N ASN A 276 0.28 10.99 4.90
CA ASN A 276 -0.79 10.57 3.99
C ASN A 276 -0.67 9.07 3.77
N SER A 277 -0.97 8.29 4.82
CA SER A 277 -0.90 6.83 4.78
C SER A 277 -1.71 6.31 3.60
N PRO A 278 -1.03 5.81 2.54
CA PRO A 278 -1.78 5.37 1.35
C PRO A 278 -2.65 4.16 1.64
N VAL A 279 -2.16 3.24 2.45
CA VAL A 279 -2.97 2.14 2.96
C VAL A 279 -3.58 2.60 4.28
N GLN A 280 -4.89 2.84 4.28
CA GLN A 280 -5.53 3.46 5.43
C GLN A 280 -6.10 2.46 6.43
N LEU A 281 -6.50 1.27 5.98
CA LEU A 281 -7.22 0.32 6.82
C LEU A 281 -6.59 -1.06 6.75
N ILE A 282 -6.53 -1.72 7.89
CA ILE A 282 -6.04 -3.10 8.01
C ILE A 282 -7.01 -3.89 8.89
N PRO A 283 -7.76 -4.83 8.32
CA PRO A 283 -8.76 -5.56 9.12
C PRO A 283 -8.14 -6.73 9.87
N ARG A 284 -8.79 -7.10 10.97
CA ARG A 284 -8.40 -8.25 11.78
C ARG A 284 -9.65 -8.84 12.42
N GLN A 285 -9.57 -10.10 12.82
CA GLN A 285 -10.70 -10.82 13.40
C GLN A 285 -10.39 -11.19 14.85
N VAL A 286 -11.33 -10.89 15.75
CA VAL A 286 -11.15 -11.15 17.16
C VAL A 286 -11.42 -12.63 17.44
N SER A 287 -10.50 -13.28 18.16
CA SER A 287 -10.59 -14.72 18.37
C SER A 287 -11.13 -15.12 19.73
N LYS A 288 -11.30 -14.17 20.65
CA LYS A 288 -11.75 -14.46 22.00
C LYS A 288 -12.16 -13.13 22.66
N PRO A 289 -12.91 -13.20 23.77
CA PRO A 289 -13.30 -11.96 24.46
C PRO A 289 -12.11 -11.05 24.74
N PHE A 290 -12.28 -9.78 24.42
CA PHE A 290 -11.24 -8.77 24.61
C PHE A 290 -11.92 -7.41 24.77
N ILE A 291 -11.27 -6.51 25.49
CA ILE A 291 -11.83 -5.20 25.79
C ILE A 291 -10.74 -4.14 25.68
N PHE A 292 -10.95 -3.15 24.81
CA PHE A 292 -10.21 -1.90 24.81
C PHE A 292 -11.08 -0.83 25.45
N ASN A 293 -10.44 0.09 26.17
CA ASN A 293 -11.14 1.05 27.04
C ASN A 293 -12.31 0.37 27.76
N ASN A 294 -13.54 0.76 27.47
CA ASN A 294 -14.72 0.07 27.98
C ASN A 294 -15.47 -0.67 26.88
N THR A 295 -14.89 -0.78 25.68
CA THR A 295 -15.57 -1.42 24.55
C THR A 295 -15.25 -2.92 24.54
N GLU A 296 -16.28 -3.73 24.71
CA GLU A 296 -16.12 -5.18 24.72
C GLU A 296 -16.29 -5.75 23.32
N LEU A 297 -15.39 -6.66 22.96
CA LEU A 297 -15.42 -7.33 21.66
C LEU A 297 -15.61 -8.83 21.87
N GLN A 298 -16.54 -9.42 21.13
N GLN A 298 -16.56 -9.40 21.13
CA GLN A 298 -16.81 -10.85 21.22
CA GLN A 298 -16.79 -10.83 21.18
C GLN A 298 -16.12 -11.59 20.09
C GLN A 298 -15.84 -11.56 20.24
N ALA A 299 -15.85 -12.88 20.33
CA ALA A 299 -15.15 -13.69 19.34
C ALA A 299 -15.93 -13.72 18.05
N GLY A 300 -15.26 -13.35 16.96
CA GLY A 300 -15.90 -13.21 15.67
C GLY A 300 -16.14 -11.77 15.25
N ASP A 301 -16.08 -10.82 16.19
CA ASP A 301 -16.14 -9.41 15.84
C ASP A 301 -14.95 -9.05 14.96
N THR A 302 -15.09 -7.94 14.23
CA THR A 302 -14.09 -7.50 13.26
C THR A 302 -13.60 -6.12 13.64
N VAL A 303 -12.28 -5.98 13.81
CA VAL A 303 -11.66 -4.70 14.11
C VAL A 303 -10.88 -4.23 12.90
N ILE A 304 -10.98 -2.94 12.60
CA ILE A 304 -10.32 -2.34 11.45
C ILE A 304 -9.37 -1.27 11.96
N CYS A 305 -8.07 -1.53 11.86
CA CYS A 305 -7.09 -0.54 12.26
C CYS A 305 -7.13 0.66 11.33
N MET A 306 -7.08 1.86 11.91
CA MET A 306 -7.09 3.11 11.15
C MET A 306 -5.65 3.62 11.12
N ILE A 307 -4.92 3.24 10.07
CA ILE A 307 -3.50 3.52 9.99
C ILE A 307 -3.25 5.03 9.91
N GLY A 308 -4.06 5.73 9.12
CA GLY A 308 -3.87 7.17 8.99
C GLY A 308 -4.10 7.92 10.28
N SER A 309 -5.08 7.49 11.07
CA SER A 309 -5.32 8.10 12.37
C SER A 309 -4.19 7.78 13.35
N ALA A 310 -3.77 6.51 13.39
CA ALA A 310 -2.70 6.11 14.28
C ALA A 310 -1.42 6.90 14.02
N ASN A 311 -1.11 7.13 12.75
CA ASN A 311 0.10 7.88 12.39
C ASN A 311 -0.01 9.36 12.69
N ARG A 312 -1.19 9.85 13.09
CA ARG A 312 -1.37 11.24 13.50
C ARG A 312 -1.80 11.35 14.96
N ASP A 313 -1.50 10.34 15.77
CA ASP A 313 -1.90 10.35 17.17
C ASP A 313 -1.03 11.32 17.96
N PRO A 314 -1.62 12.28 18.68
CA PRO A 314 -0.80 13.16 19.54
C PRO A 314 0.00 12.41 20.59
N GLU A 315 -0.41 11.19 20.95
CA GLU A 315 0.36 10.39 21.90
C GLU A 315 1.63 9.84 21.28
N ALA A 316 1.72 9.79 19.95
CA ALA A 316 2.88 9.23 19.26
C ALA A 316 3.77 10.28 18.62
N TYR A 317 3.22 11.40 18.16
CA TYR A 317 3.99 12.43 17.50
C TYR A 317 3.59 13.81 18.02
N SER A 318 4.59 14.66 18.21
CA SER A 318 4.32 16.07 18.45
C SER A 318 4.01 16.75 17.13
N ASN A 319 3.02 17.63 17.15
CA ASN A 319 2.49 18.27 15.94
C ASN A 319 2.18 17.22 14.87
N PRO A 320 1.31 16.25 15.15
CA PRO A 320 1.16 15.13 14.21
C PRO A 320 0.55 15.51 12.88
N ASP A 321 -0.27 16.56 12.84
CA ASP A 321 -0.98 16.94 11.64
C ASP A 321 -0.19 17.91 10.76
N GLU A 322 1.11 18.07 11.00
CA GLU A 322 1.97 18.92 10.19
CA GLU A 322 1.96 18.91 10.18
C GLU A 322 2.96 18.05 9.43
N PHE A 323 3.25 18.45 8.19
CA PHE A 323 4.23 17.73 7.37
C PHE A 323 5.61 18.28 7.67
N ASN A 324 6.48 17.45 8.24
CA ASN A 324 7.80 17.88 8.68
C ASN A 324 8.78 16.74 8.40
N ILE A 325 9.59 16.90 7.36
CA ILE A 325 10.57 15.86 7.01
C ILE A 325 11.71 15.80 8.02
N HIS A 326 11.91 16.84 8.82
CA HIS A 326 13.01 16.90 9.77
C HIS A 326 12.70 16.22 11.09
N ARG A 327 11.66 15.40 11.14
CA ARG A 327 11.32 14.67 12.36
C ARG A 327 12.44 13.72 12.76
N SER A 328 12.48 13.41 14.05
CA SER A 328 13.46 12.46 14.60
C SER A 328 13.07 12.16 16.04
N SER A 329 13.61 11.05 16.55
CA SER A 329 13.40 10.69 17.94
C SER A 329 14.42 11.32 18.87
N ASP A 330 15.56 11.78 18.34
CA ASP A 330 16.51 12.51 19.16
C ASP A 330 15.95 13.86 19.60
N ASN A 331 15.39 14.62 18.64
CA ASN A 331 14.83 15.93 18.94
C ASN A 331 13.39 15.84 19.44
N PHE A 335 8.39 14.25 25.59
CA PHE A 335 7.82 12.93 25.81
C PHE A 335 7.17 12.41 24.53
N THR A 336 7.76 11.33 23.99
CA THR A 336 7.29 10.69 22.75
C THR A 336 7.04 11.72 21.65
N SER A 337 8.06 12.54 21.40
CA SER A 337 7.97 13.50 20.30
C SER A 337 7.91 12.79 18.95
N HIS A 338 8.43 11.57 18.88
CA HIS A 338 8.45 10.81 17.63
C HIS A 338 8.32 9.33 17.94
N SER A 339 7.64 8.62 17.05
CA SER A 339 7.47 7.18 17.16
C SER A 339 7.64 6.55 15.79
N GLN A 340 7.67 5.23 15.74
CA GLN A 340 7.77 4.51 14.48
C GLN A 340 6.36 4.38 13.89
N ASN A 341 6.18 4.91 12.68
CA ASN A 341 4.85 4.90 12.06
C ASN A 341 4.45 3.48 11.69
N LEU A 342 3.18 3.33 11.35
CA LEU A 342 2.60 2.04 10.99
C LEU A 342 2.16 2.02 9.53
N SER A 343 2.78 2.83 8.68
CA SER A 343 2.43 2.85 7.25
C SER A 343 2.60 1.46 6.62
N PHE A 344 3.61 0.71 7.06
CA PHE A 344 3.80 -0.66 6.63
C PHE A 344 3.25 -1.68 7.62
N GLY A 345 2.30 -1.27 8.46
CA GLY A 345 1.82 -2.16 9.50
C GLY A 345 2.97 -2.50 10.45
N THR A 346 2.80 -3.61 11.14
CA THR A 346 3.82 -4.12 12.07
C THR A 346 3.43 -5.54 12.45
N GLY A 347 4.31 -6.19 13.21
CA GLY A 347 4.04 -7.54 13.66
C GLY A 347 4.41 -8.58 12.61
N VAL A 348 3.63 -9.67 12.58
CA VAL A 348 3.96 -10.81 11.73
C VAL A 348 3.72 -10.48 10.27
N HIS A 349 2.55 -9.92 9.95
CA HIS A 349 2.17 -9.62 8.58
C HIS A 349 2.63 -8.24 8.13
N THR A 350 3.75 -7.74 8.65
CA THR A 350 4.26 -6.45 8.20
C THR A 350 4.80 -6.57 6.78
N CYS A 351 4.79 -5.44 6.07
CA CYS A 351 5.01 -5.45 4.62
C CYS A 351 6.37 -6.02 4.25
N VAL A 352 6.36 -7.06 3.41
CA VAL A 352 7.60 -7.65 2.94
C VAL A 352 8.32 -6.72 1.98
N GLY A 353 7.59 -5.83 1.31
CA GLY A 353 8.19 -4.95 0.32
C GLY A 353 8.50 -3.57 0.85
N ALA A 354 8.75 -3.47 2.16
CA ALA A 354 9.00 -2.17 2.78
C ALA A 354 10.31 -1.58 2.30
N SER A 355 11.42 -2.31 2.48
CA SER A 355 12.72 -1.81 2.07
C SER A 355 12.76 -1.57 0.56
N PHE A 356 12.11 -2.44 -0.21
CA PHE A 356 12.09 -2.28 -1.66
C PHE A 356 11.27 -1.06 -2.06
N SER A 357 10.17 -0.78 -1.35
CA SER A 357 9.36 0.39 -1.66
C SER A 357 10.12 1.68 -1.39
N LEU A 358 10.85 1.75 -0.27
CA LEU A 358 11.61 2.95 0.04
C LEU A 358 12.74 3.16 -0.96
N ILE A 359 13.43 2.07 -1.34
CA ILE A 359 14.51 2.17 -2.30
C ILE A 359 13.97 2.64 -3.65
N GLN A 360 12.94 1.96 -4.15
CA GLN A 360 12.38 2.27 -5.47
C GLN A 360 11.80 3.68 -5.51
N LEU A 361 11.21 4.14 -4.41
CA LEU A 361 10.64 5.49 -4.39
C LEU A 361 11.72 6.57 -4.33
N GLU A 362 12.88 6.26 -3.73
CA GLU A 362 13.98 7.22 -3.73
C GLU A 362 14.55 7.39 -5.13
N MET A 363 14.79 6.28 -5.84
CA MET A 363 15.35 6.35 -7.18
C MET A 363 14.50 7.23 -8.09
N VAL A 364 13.18 7.11 -7.98
CA VAL A 364 12.29 7.89 -8.84
C VAL A 364 12.33 9.37 -8.47
N ALA A 365 12.32 9.67 -7.17
CA ALA A 365 12.32 11.06 -6.73
C ALA A 365 13.58 11.79 -7.17
N ILE A 366 14.74 11.16 -6.99
CA ILE A 366 16.00 11.78 -7.40
C ILE A 366 16.01 12.01 -8.90
N LEU A 367 15.54 11.04 -9.67
CA LEU A 367 15.53 11.17 -11.13
C LEU A 367 14.61 12.30 -11.57
N LEU A 368 13.40 12.34 -11.04
CA LEU A 368 12.47 13.41 -11.37
C LEU A 368 13.05 14.77 -11.04
N LEU A 369 13.74 14.88 -9.90
CA LEU A 369 14.36 16.14 -9.50
C LEU A 369 15.54 16.51 -10.38
N LYS A 370 16.19 15.53 -11.01
CA LYS A 370 17.38 15.80 -11.80
C LYS A 370 17.04 16.23 -13.23
N ARG A 371 16.00 15.64 -13.81
CA ARG A 371 15.66 15.91 -15.20
C ARG A 371 14.63 17.02 -15.37
N LEU A 372 13.68 17.13 -14.44
CA LEU A 372 12.67 18.19 -14.50
C LEU A 372 13.21 19.37 -13.70
N LYS A 373 13.66 20.40 -14.39
CA LYS A 373 14.31 21.53 -13.76
C LYS A 373 13.31 22.64 -13.46
N ASN A 374 13.47 23.28 -12.31
CA ASN A 374 12.58 24.35 -11.85
C ASN A 374 11.14 23.83 -11.69
N ILE A 375 11.00 22.73 -10.97
CA ILE A 375 9.68 22.14 -10.75
C ILE A 375 8.78 23.14 -10.04
N LYS A 376 7.61 23.37 -10.61
CA LYS A 376 6.61 24.25 -10.02
C LYS A 376 5.28 23.52 -9.97
N LEU A 377 4.51 23.78 -8.92
CA LEU A 377 3.25 23.10 -8.72
C LEU A 377 2.15 23.75 -9.56
N LYS A 378 1.38 22.93 -10.27
CA LYS A 378 0.24 23.41 -11.03
C LYS A 378 -1.10 23.00 -10.43
N THR A 379 -1.14 21.90 -9.68
CA THR A 379 -2.34 21.48 -8.96
C THR A 379 -2.24 22.07 -7.55
N MET A 380 -2.81 23.26 -7.38
CA MET A 380 -2.65 23.98 -6.13
C MET A 380 -3.37 23.29 -4.97
N GLU A 381 -4.45 22.56 -5.25
CA GLU A 381 -5.23 21.89 -4.22
C GLU A 381 -5.69 20.54 -4.73
N ILE A 382 -5.32 19.47 -4.02
CA ILE A 382 -5.63 18.12 -4.46
C ILE A 382 -7.00 17.72 -3.95
N THR A 383 -7.55 16.66 -4.55
CA THR A 383 -8.79 16.04 -4.11
C THR A 383 -8.52 14.56 -3.95
N GLU A 384 -8.56 14.07 -2.71
CA GLU A 384 -8.24 12.68 -2.40
C GLU A 384 -9.51 11.83 -2.39
N HIS A 385 -9.34 10.56 -2.72
N HIS A 385 -9.35 10.56 -2.74
CA HIS A 385 -10.45 9.61 -2.78
CA HIS A 385 -10.46 9.62 -2.78
C HIS A 385 -9.99 8.26 -2.26
C HIS A 385 -10.01 8.25 -2.29
N GLY A 386 -10.94 7.53 -1.69
CA GLY A 386 -10.66 6.22 -1.14
C GLY A 386 -10.52 6.24 0.37
N ILE A 387 -11.08 5.24 1.04
CA ILE A 387 -10.93 5.11 2.48
C ILE A 387 -10.09 3.89 2.87
N TYR A 388 -10.02 2.88 2.01
CA TYR A 388 -9.15 1.72 2.24
C TYR A 388 -7.76 2.05 1.72
N THR A 389 -7.63 2.16 0.41
CA THR A 389 -6.48 2.79 -0.23
C THR A 389 -6.84 4.23 -0.57
N ARG A 390 -5.91 5.15 -0.37
CA ARG A 390 -6.22 6.57 -0.47
C ARG A 390 -5.09 7.31 -1.18
N GLY A 391 -5.48 8.20 -2.11
CA GLY A 391 -4.53 9.01 -2.83
C GLY A 391 -5.20 10.14 -3.58
N PRO A 392 -4.39 11.05 -4.12
CA PRO A 392 -4.95 12.16 -4.90
C PRO A 392 -5.44 11.69 -6.26
N LYS A 393 -6.46 12.37 -6.76
CA LYS A 393 -6.97 12.06 -8.10
C LYS A 393 -6.03 12.57 -9.18
N SER A 394 -5.36 13.70 -8.94
CA SER A 394 -4.47 14.30 -9.91
C SER A 394 -3.47 15.18 -9.20
N MET A 395 -2.21 15.13 -9.65
CA MET A 395 -1.13 15.93 -9.05
C MET A 395 -0.17 16.32 -10.18
N VAL A 396 -0.42 17.48 -10.77
CA VAL A 396 0.29 17.94 -11.95
C VAL A 396 1.37 18.93 -11.54
N ILE A 397 2.53 18.85 -12.19
CA ILE A 397 3.65 19.76 -11.96
C ILE A 397 4.15 20.26 -13.31
N SER A 398 4.64 21.49 -13.34
CA SER A 398 5.26 22.05 -14.52
C SER A 398 6.77 22.13 -14.33
N PHE A 399 7.49 22.21 -15.44
CA PHE A 399 8.94 22.27 -15.43
C PHE A 399 9.40 22.91 -16.73
N ASP A 400 10.71 23.16 -16.81
CA ASP A 400 11.29 23.80 -17.99
C ASP A 400 11.53 22.79 -19.11
#